data_8PS6
#
_entry.id   8PS6
#
_cell.length_a   225.543
_cell.length_b   225.543
_cell.length_c   32.029
_cell.angle_alpha   90.000
_cell.angle_beta   90.000
_cell.angle_gamma   120.000
#
_symmetry.space_group_name_H-M   'H 3 2'
#
loop_
_entity.id
_entity.type
_entity.pdbx_description
1 polymer 'Shedu effector protein'
2 non-polymer 'SULFATE ION'
3 water water
#
_entity_poly.entity_id   1
_entity_poly.type   'polypeptide(L)'
_entity_poly.pdbx_seq_one_letter_code
;SNAMLQFSFVSNDVVMTYDGDSGEQIIWVWESLNKFQTVCISRIFNFQLQDLRNPPSTVQDFNDYEYSFNFGTLNNEYIT
VPGRILSINRDVLIHKSIKLERKVFASERNVSIFGRLSKLLDHTNPIIIGGDKPEAIPKSVFQELQSKFPNTGELDRYAN
ARVHAILAGYLDGMKDARERYEHYLNRKTVI
;
_entity_poly.pdbx_strand_id   A
#
loop_
_chem_comp.id
_chem_comp.type
_chem_comp.name
_chem_comp.formula
SO4 non-polymer 'SULFATE ION' 'O4 S -2'
#
# COMPACT_ATOMS: atom_id res chain seq x y z
N MET A 4 -6.89 -11.07 1.49
CA MET A 4 -7.38 -10.11 2.46
C MET A 4 -6.38 -9.92 3.60
N LEU A 5 -6.29 -8.69 4.11
CA LEU A 5 -5.39 -8.36 5.21
C LEU A 5 -6.20 -8.07 6.47
N GLN A 6 -5.86 -8.74 7.56
CA GLN A 6 -6.56 -8.60 8.82
C GLN A 6 -5.54 -8.38 9.93
N PHE A 7 -5.67 -7.26 10.66
CA PHE A 7 -4.74 -6.94 11.74
C PHE A 7 -5.38 -7.31 13.09
N SER A 8 -4.60 -7.92 13.98
CA SER A 8 -5.13 -8.32 15.32
C SER A 8 -4.05 -8.08 16.37
N PHE A 9 -4.44 -7.95 17.63
CA PHE A 9 -3.43 -7.83 18.71
C PHE A 9 -3.42 -9.11 19.54
N VAL A 10 -2.30 -9.83 19.53
CA VAL A 10 -2.18 -11.03 20.42
C VAL A 10 -1.16 -10.63 21.48
N SER A 11 -1.57 -10.53 22.75
CA SER A 11 -0.64 -10.03 23.79
C SER A 11 -0.15 -8.63 23.37
N ASN A 12 1.16 -8.42 23.34
CA ASN A 12 1.74 -7.12 22.91
C ASN A 12 2.24 -7.23 21.47
N ASP A 13 1.87 -8.30 20.76
CA ASP A 13 2.37 -8.52 19.38
C ASP A 13 1.27 -8.16 18.37
N VAL A 14 1.60 -7.31 17.39
CA VAL A 14 0.61 -6.96 16.32
C VAL A 14 0.73 -8.03 15.23
N VAL A 15 -0.39 -8.63 14.83
CA VAL A 15 -0.34 -9.76 13.86
C VAL A 15 -1.08 -9.39 12.58
N MET A 16 -0.45 -9.58 11.42
CA MET A 16 -1.14 -9.34 10.13
C MET A 16 -1.42 -10.69 9.49
N THR A 17 -2.70 -11.04 9.32
CA THR A 17 -3.09 -12.32 8.73
C THR A 17 -3.38 -12.13 7.25
N TYR A 18 -2.75 -12.97 6.42
CA TYR A 18 -2.94 -12.91 4.98
C TYR A 18 -3.80 -14.09 4.53
N ASP A 19 -4.84 -13.81 3.76
CA ASP A 19 -5.71 -14.88 3.23
C ASP A 19 -5.56 -14.88 1.70
N GLU A 24 -6.68 -17.12 -3.85
CA GLU A 24 -5.64 -17.50 -4.85
C GLU A 24 -4.80 -18.64 -4.30
N GLN A 25 -3.92 -19.19 -5.12
CA GLN A 25 -2.99 -20.22 -4.60
C GLN A 25 -2.01 -19.46 -3.71
N ILE A 26 -2.14 -19.59 -2.38
CA ILE A 26 -1.32 -18.80 -1.44
C ILE A 26 0.02 -19.50 -1.24
N ILE A 27 0.22 -20.62 -1.90
CA ILE A 27 1.50 -21.39 -1.81
C ILE A 27 2.68 -20.49 -2.22
N TRP A 28 2.46 -19.52 -3.10
CA TRP A 28 3.58 -18.72 -3.55
C TRP A 28 4.26 -17.99 -2.40
N VAL A 29 3.51 -17.69 -1.34
CA VAL A 29 4.09 -16.98 -0.16
C VAL A 29 5.12 -17.92 0.48
N TRP A 30 4.73 -19.16 0.76
CA TRP A 30 5.65 -20.14 1.38
C TRP A 30 6.84 -20.40 0.45
N GLU A 31 6.58 -20.50 -0.85
CA GLU A 31 7.67 -20.77 -1.83
C GLU A 31 8.68 -19.62 -1.81
N SER A 32 8.20 -18.37 -1.77
CA SER A 32 9.11 -17.20 -1.72
C SER A 32 9.92 -17.24 -0.42
N LEU A 33 9.28 -17.58 0.69
CA LEU A 33 9.99 -17.68 2.00
C LEU A 33 11.04 -18.80 1.94
N ASN A 34 10.72 -19.92 1.30
CA ASN A 34 11.74 -20.99 1.16
C ASN A 34 12.90 -20.50 0.29
N LYS A 35 12.59 -19.84 -0.84
CA LYS A 35 13.64 -19.39 -1.80
C LYS A 35 14.50 -18.25 -1.27
N PHE A 36 13.91 -17.22 -0.64
CA PHE A 36 14.71 -16.02 -0.27
C PHE A 36 14.48 -15.61 1.20
N GLN A 37 13.77 -16.42 1.96
CA GLN A 37 13.50 -16.15 3.38
C GLN A 37 12.85 -14.79 3.59
N THR A 38 12.27 -14.22 2.52
CA THR A 38 11.46 -13.03 2.57
C THR A 38 10.29 -13.20 1.62
N VAL A 39 9.24 -12.42 1.82
CA VAL A 39 8.03 -12.43 0.94
C VAL A 39 7.42 -11.04 0.93
N CYS A 40 6.84 -10.63 -0.18
CA CYS A 40 6.12 -9.34 -0.26
C CYS A 40 4.63 -9.62 -0.31
N ILE A 41 3.88 -9.07 0.66
CA ILE A 41 2.42 -9.29 0.74
C ILE A 41 1.70 -7.98 0.41
N SER A 42 0.75 -8.01 -0.53
CA SER A 42 -0.04 -6.81 -0.94
C SER A 42 0.86 -5.75 -1.56
N ARG A 43 2.07 -6.12 -1.95
CA ARG A 43 3.00 -5.25 -2.69
C ARG A 43 3.66 -4.20 -1.81
N ILE A 44 3.30 -4.11 -0.52
CA ILE A 44 3.85 -3.04 0.38
C ILE A 44 4.51 -3.65 1.59
N PHE A 45 4.10 -4.85 1.99
CA PHE A 45 4.61 -5.43 3.25
C PHE A 45 5.71 -6.44 2.96
N ASN A 46 6.88 -6.24 3.56
CA ASN A 46 8.03 -7.17 3.37
C ASN A 46 8.25 -7.97 4.64
N PHE A 47 7.95 -9.26 4.58
CA PHE A 47 8.07 -10.10 5.79
C PHE A 47 9.21 -11.10 5.66
N GLN A 48 9.97 -11.27 6.72
CA GLN A 48 11.01 -12.29 6.78
C GLN A 48 10.44 -13.58 7.34
N LEU A 49 11.17 -14.68 7.12
CA LEU A 49 10.72 -15.98 7.60
C LEU A 49 10.54 -15.98 9.12
N GLN A 50 11.41 -15.28 9.84
CA GLN A 50 11.29 -15.19 11.29
C GLN A 50 9.98 -14.55 11.74
N ASP A 51 9.25 -13.91 10.84
CA ASP A 51 8.02 -13.18 11.20
C ASP A 51 6.78 -14.08 11.07
N LEU A 52 6.92 -15.25 10.46
CA LEU A 52 5.77 -16.16 10.29
C LEU A 52 5.54 -16.97 11.57
N ARG A 53 4.44 -16.69 12.24
CA ARG A 53 4.08 -17.32 13.52
C ARG A 53 3.63 -18.75 13.30
N ASN A 54 3.04 -19.02 12.15
CA ASN A 54 2.47 -20.36 11.88
C ASN A 54 3.12 -20.96 10.65
N PRO A 55 4.39 -21.40 10.74
CA PRO A 55 4.98 -22.03 9.59
C PRO A 55 4.12 -23.23 9.15
N PRO A 56 3.80 -23.33 7.85
CA PRO A 56 2.95 -24.40 7.37
C PRO A 56 3.55 -25.82 7.33
N SER A 57 2.68 -26.83 7.37
CA SER A 57 3.14 -28.24 7.32
C SER A 57 3.57 -28.62 5.91
N THR A 58 4.41 -29.65 5.82
CA THR A 58 4.89 -30.16 4.50
C THR A 58 3.68 -30.67 3.73
N VAL A 59 2.67 -31.15 4.45
CA VAL A 59 1.46 -31.74 3.81
C VAL A 59 0.28 -30.79 3.89
N GLN A 60 0.49 -29.51 4.21
CA GLN A 60 -0.64 -28.58 4.46
C GLN A 60 -1.54 -28.37 3.26
N ASP A 61 -2.84 -28.30 3.49
CA ASP A 61 -3.77 -27.90 2.41
C ASP A 61 -3.87 -26.39 2.59
N PHE A 62 -3.48 -25.63 1.57
CA PHE A 62 -3.41 -24.17 1.75
C PHE A 62 -4.79 -23.54 1.58
N ASN A 63 -5.78 -24.34 1.15
CA ASN A 63 -7.15 -23.80 1.06
C ASN A 63 -7.62 -23.46 2.46
N ASP A 64 -7.38 -24.35 3.41
CA ASP A 64 -7.70 -24.10 4.83
C ASP A 64 -6.75 -23.07 5.45
N TYR A 65 -5.48 -23.06 5.07
CA TYR A 65 -4.46 -22.23 5.76
C TYR A 65 -4.55 -20.71 5.58
N GLU A 66 -4.14 -19.98 6.61
CA GLU A 66 -4.01 -18.50 6.54
C GLU A 66 -2.64 -18.20 7.15
N TYR A 67 -1.93 -17.19 6.65
CA TYR A 67 -0.58 -16.88 7.13
C TYR A 67 -0.66 -15.78 8.17
N SER A 68 -0.11 -16.03 9.34
CA SER A 68 -0.13 -15.04 10.44
C SER A 68 1.27 -14.49 10.65
N PHE A 69 1.42 -13.20 10.48
CA PHE A 69 2.78 -12.64 10.53
C PHE A 69 2.93 -11.59 11.60
N ASN A 70 4.08 -11.58 12.23
CA ASN A 70 4.41 -10.50 13.15
C ASN A 70 4.63 -9.21 12.37
N PHE A 71 3.80 -8.22 12.64
CA PHE A 71 3.81 -6.96 11.90
C PHE A 71 4.41 -5.81 12.70
N GLY A 72 4.11 -5.78 14.00
CA GLY A 72 4.62 -4.70 14.87
C GLY A 72 4.60 -5.08 16.33
N THR A 73 5.03 -4.18 17.20
CA THR A 73 5.03 -4.43 18.66
C THR A 73 4.20 -3.35 19.35
N LEU A 74 3.32 -3.75 20.27
CA LEU A 74 2.50 -2.76 21.01
C LEU A 74 3.27 -2.33 22.27
N ASN A 75 3.82 -1.12 22.27
CA ASN A 75 4.53 -0.58 23.45
C ASN A 75 3.84 0.72 23.84
N ASN A 76 3.48 0.88 25.12
CA ASN A 76 2.72 2.07 25.53
C ASN A 76 1.43 2.12 24.70
N GLU A 77 1.16 3.26 24.06
CA GLU A 77 -0.07 3.40 23.24
C GLU A 77 0.29 3.41 21.75
N TYR A 78 1.52 3.00 21.40
CA TYR A 78 1.95 3.11 19.98
C TYR A 78 2.31 1.75 19.37
N ILE A 79 1.84 1.49 18.14
CA ILE A 79 2.22 0.23 17.43
C ILE A 79 3.50 0.54 16.66
N THR A 80 4.62 -0.08 17.04
CA THR A 80 5.91 0.17 16.37
C THR A 80 6.09 -0.84 15.23
N VAL A 81 6.02 -0.35 13.98
CA VAL A 81 6.24 -1.23 12.81
C VAL A 81 7.72 -1.19 12.43
N PRO A 82 8.51 -2.30 12.37
CA PRO A 82 9.90 -2.22 11.92
C PRO A 82 9.99 -1.68 10.50
N GLY A 83 11.01 -0.85 10.27
CA GLY A 83 11.15 -0.23 8.96
C GLY A 83 11.29 -1.24 7.83
N ARG A 84 11.90 -2.39 8.12
CA ARG A 84 12.09 -3.41 7.09
C ARG A 84 10.76 -3.96 6.58
N ILE A 85 9.71 -3.93 7.42
CA ILE A 85 8.39 -4.37 6.99
C ILE A 85 7.88 -3.49 5.85
N LEU A 86 8.31 -2.22 5.80
CA LEU A 86 7.86 -1.27 4.80
C LEU A 86 8.96 -0.84 3.85
N SER A 87 10.12 -1.52 3.88
CA SER A 87 11.24 -1.24 2.96
C SER A 87 11.77 0.18 3.13
N ILE A 88 11.80 0.67 4.38
CA ILE A 88 12.34 1.98 4.70
C ILE A 88 13.33 1.83 5.85
N ASN A 89 14.11 2.88 6.09
CA ASN A 89 15.15 2.82 7.13
C ASN A 89 14.54 3.18 8.48
N ARG A 90 13.69 4.19 8.52
CA ARG A 90 13.07 4.63 9.80
C ARG A 90 12.02 3.62 10.25
N ASP A 91 11.64 3.65 11.52
CA ASP A 91 10.53 2.78 12.00
C ASP A 91 9.24 3.60 11.89
N VAL A 92 8.09 2.96 12.02
CA VAL A 92 6.78 3.66 11.90
C VAL A 92 5.95 3.40 13.15
N LEU A 93 5.49 4.47 13.80
CA LEU A 93 4.71 4.34 15.05
C LEU A 93 3.29 4.81 14.80
N ILE A 94 2.32 3.90 14.93
CA ILE A 94 0.90 4.25 14.75
C ILE A 94 0.23 4.15 16.11
N HIS A 95 -0.39 5.23 16.55
CA HIS A 95 -1.10 5.23 17.82
C HIS A 95 -2.31 4.30 17.75
N LYS A 96 -2.64 3.70 18.90
CA LYS A 96 -3.73 2.73 18.96
C LYS A 96 -5.07 3.33 18.56
N SER A 97 -5.24 4.65 18.71
CA SER A 97 -6.49 5.29 18.33
C SER A 97 -6.75 5.19 16.83
N ILE A 98 -5.72 4.92 16.03
CA ILE A 98 -5.87 4.76 14.59
C ILE A 98 -6.06 3.28 14.28
N LYS A 99 -7.15 2.96 13.56
CA LYS A 99 -7.44 1.57 13.24
C LYS A 99 -6.42 1.04 12.24
N LEU A 100 -5.84 -0.11 12.56
CA LEU A 100 -4.89 -0.75 11.66
C LEU A 100 -5.64 -1.36 10.48
N GLU A 101 -5.39 -0.80 9.29
CA GLU A 101 -5.96 -1.31 8.06
C GLU A 101 -4.95 -1.06 6.95
N ARG A 102 -5.24 -1.58 5.76
CA ARG A 102 -4.29 -1.44 4.66
C ARG A 102 -4.19 0.02 4.22
N LYS A 103 -5.31 0.75 4.22
CA LYS A 103 -5.30 2.15 3.78
C LYS A 103 -4.43 3.04 4.68
N VAL A 104 -4.10 2.58 5.88
CA VAL A 104 -3.14 3.31 6.71
C VAL A 104 -1.78 3.35 6.03
N PHE A 105 -1.41 2.27 5.36
CA PHE A 105 -0.08 2.13 4.79
C PHE A 105 -0.04 2.28 3.27
N ALA A 106 -1.13 1.98 2.58
CA ALA A 106 -1.15 1.97 1.12
C ALA A 106 -2.23 2.89 0.58
N SER A 107 -1.90 3.61 -0.48
CA SER A 107 -2.88 4.33 -1.29
C SER A 107 -3.20 3.47 -2.52
N GLU A 108 -4.18 3.94 -3.30
CA GLU A 108 -4.60 3.21 -4.48
C GLU A 108 -3.43 2.96 -5.43
N ARG A 109 -3.49 1.83 -6.13
CA ARG A 109 -2.39 1.33 -6.98
C ARG A 109 -1.16 0.94 -6.15
N ASN A 110 -1.38 0.50 -4.91
CA ASN A 110 -0.32 -0.07 -4.07
C ASN A 110 0.81 0.92 -3.82
N VAL A 111 0.45 2.17 -3.53
CA VAL A 111 1.44 3.21 -3.24
C VAL A 111 1.77 3.17 -1.76
N SER A 112 3.04 2.91 -1.44
CA SER A 112 3.49 2.86 -0.06
C SER A 112 3.52 4.29 0.48
N ILE A 113 2.56 4.60 1.37
CA ILE A 113 2.47 5.95 1.93
C ILE A 113 3.77 6.31 2.67
N PHE A 114 4.22 5.43 3.55
CA PHE A 114 5.42 5.71 4.33
C PHE A 114 6.69 5.48 3.53
N GLY A 115 6.63 4.65 2.48
CA GLY A 115 7.76 4.56 1.58
C GLY A 115 8.03 5.87 0.86
N ARG A 116 6.96 6.58 0.48
CA ARG A 116 7.13 7.88 -0.16
C ARG A 116 7.56 8.93 0.85
N LEU A 117 6.94 8.93 2.03
CA LEU A 117 7.24 9.96 3.03
C LEU A 117 8.69 9.88 3.51
N SER A 118 9.20 8.67 3.72
CA SER A 118 10.54 8.51 4.29
C SER A 118 11.60 9.04 3.35
N LYS A 119 11.41 8.87 2.04
CA LYS A 119 12.36 9.43 1.08
C LYS A 119 12.36 10.95 1.10
N LEU A 120 11.26 11.57 1.51
CA LEU A 120 11.16 13.02 1.55
C LEU A 120 11.68 13.63 2.85
N LEU A 121 11.81 12.79 3.89
CA LEU A 121 12.26 13.29 5.21
C LEU A 121 13.77 13.48 5.22
N ASP A 122 14.26 14.53 5.88
CA ASP A 122 15.72 14.82 5.94
C ASP A 122 16.30 14.31 7.26
N HIS A 123 15.51 13.57 8.05
CA HIS A 123 15.96 13.12 9.38
C HIS A 123 15.84 11.60 9.50
N THR A 124 16.67 10.97 10.34
CA THR A 124 16.62 9.50 10.53
C THR A 124 15.60 9.15 11.62
N ASN A 125 14.98 10.18 12.22
CA ASN A 125 13.98 9.95 13.30
C ASN A 125 12.79 9.18 12.76
N PRO A 126 12.18 8.25 13.54
CA PRO A 126 11.07 7.43 13.05
C PRO A 126 9.77 8.20 12.80
N ILE A 127 8.94 7.70 11.86
CA ILE A 127 7.63 8.35 11.57
C ILE A 127 6.66 8.01 12.70
N ILE A 128 6.05 9.03 13.32
CA ILE A 128 5.09 8.83 14.40
C ILE A 128 3.78 9.45 13.98
N ILE A 129 2.70 8.66 14.02
CA ILE A 129 1.37 9.09 13.59
C ILE A 129 0.44 9.04 14.79
N GLY A 130 -0.13 10.18 15.17
CA GLY A 130 -1.15 10.21 16.23
C GLY A 130 -0.59 10.27 17.64
N GLY A 131 -1.48 10.25 18.63
CA GLY A 131 -1.04 10.22 20.03
C GLY A 131 -0.67 11.55 20.63
N ASP A 132 0.12 11.53 21.70
CA ASP A 132 0.47 12.77 22.44
C ASP A 132 1.95 13.06 22.30
N LYS A 133 2.67 12.21 21.58
CA LYS A 133 4.10 12.50 21.35
C LYS A 133 4.18 13.81 20.57
N PRO A 134 5.10 14.72 20.98
CA PRO A 134 5.20 16.03 20.35
C PRO A 134 5.64 15.96 18.89
N GLU A 135 6.50 15.03 18.54
CA GLU A 135 7.05 14.95 17.17
C GLU A 135 6.12 14.17 16.25
N ALA A 136 4.91 13.88 16.71
CA ALA A 136 3.97 13.03 15.94
C ALA A 136 3.11 13.82 14.95
N ILE A 137 2.98 13.35 13.71
CA ILE A 137 2.06 13.94 12.76
C ILE A 137 0.66 13.82 13.37
N PRO A 138 -0.05 14.93 13.56
CA PRO A 138 -1.37 14.85 14.20
C PRO A 138 -2.31 13.92 13.46
N LYS A 139 -3.15 13.22 14.22
CA LYS A 139 -4.15 12.33 13.62
C LYS A 139 -4.99 13.06 12.59
N SER A 140 -5.29 14.34 12.85
CA SER A 140 -6.07 15.13 11.90
C SER A 140 -5.26 15.45 10.65
N VAL A 141 -3.95 15.67 10.79
CA VAL A 141 -3.12 15.92 9.62
C VAL A 141 -2.97 14.66 8.79
N PHE A 142 -2.79 13.51 9.45
CA PHE A 142 -2.67 12.25 8.73
C PHE A 142 -3.96 11.91 8.00
N GLN A 143 -5.10 12.08 8.67
CA GLN A 143 -6.40 11.79 8.04
C GLN A 143 -6.65 12.71 6.85
N GLU A 144 -6.17 13.95 6.92
CA GLU A 144 -6.36 14.87 5.80
C GLU A 144 -5.56 14.43 4.58
N LEU A 145 -4.32 13.95 4.80
CA LEU A 145 -3.53 13.40 3.71
C LEU A 145 -4.21 12.17 3.11
N GLN A 146 -4.80 11.33 3.95
CA GLN A 146 -5.50 10.15 3.46
C GLN A 146 -6.62 10.53 2.51
N SER A 147 -7.40 11.56 2.85
CA SER A 147 -8.51 11.96 2.00
C SER A 147 -8.05 12.63 0.72
N LYS A 148 -6.84 13.19 0.70
CA LYS A 148 -6.33 13.81 -0.52
C LYS A 148 -5.71 12.78 -1.47
N PHE A 149 -5.19 11.68 -0.92
CA PHE A 149 -4.58 10.64 -1.74
C PHE A 149 -5.60 10.12 -2.76
N PRO A 150 -5.13 9.71 -3.94
CA PRO A 150 -6.07 9.29 -5.00
C PRO A 150 -6.84 8.04 -4.60
N ASN A 151 -8.16 8.09 -4.80
CA ASN A 151 -9.05 6.98 -4.53
C ASN A 151 -9.38 6.25 -5.85
N THR A 152 -10.31 5.30 -5.78
CA THR A 152 -10.67 4.54 -6.97
C THR A 152 -11.36 5.42 -8.01
N GLY A 153 -12.20 6.35 -7.56
CA GLY A 153 -12.91 7.19 -8.49
C GLY A 153 -12.00 8.14 -9.26
N GLU A 154 -10.99 8.68 -8.57
CA GLU A 154 -10.06 9.59 -9.24
C GLU A 154 -9.25 8.85 -10.31
N LEU A 155 -8.81 7.64 -10.01
CA LEU A 155 -8.09 6.85 -11.01
C LEU A 155 -9.01 6.41 -12.14
N ASP A 156 -10.29 6.16 -11.83
CA ASP A 156 -11.24 5.81 -12.88
C ASP A 156 -11.51 7.00 -13.79
N ARG A 157 -11.62 8.20 -13.23
CA ARG A 157 -11.84 9.38 -14.04
C ARG A 157 -10.60 9.73 -14.86
N TYR A 158 -9.41 9.57 -14.26
CA TYR A 158 -8.18 9.83 -15.00
C TYR A 158 -8.07 8.94 -16.23
N ALA A 159 -8.33 7.64 -16.04
CA ALA A 159 -8.23 6.69 -17.17
C ALA A 159 -9.29 7.04 -18.23
N ASN A 160 -10.52 7.30 -17.81
CA ASN A 160 -11.60 7.61 -18.77
C ASN A 160 -11.28 8.90 -19.52
N ALA A 161 -10.79 9.93 -18.81
CA ALA A 161 -10.46 11.22 -19.45
C ALA A 161 -9.32 11.02 -20.45
N ARG A 162 -8.33 10.21 -20.08
CA ARG A 162 -7.17 9.98 -20.97
C ARG A 162 -7.66 9.28 -22.25
N VAL A 163 -8.54 8.29 -22.10
CA VAL A 163 -9.10 7.56 -23.28
C VAL A 163 -9.91 8.54 -24.13
N HIS A 164 -10.71 9.40 -23.47
CA HIS A 164 -11.56 10.38 -24.20
C HIS A 164 -10.66 11.35 -24.96
N ALA A 165 -9.58 11.82 -24.34
CA ALA A 165 -8.70 12.81 -24.98
C ALA A 165 -8.00 12.18 -26.18
N ILE A 166 -7.64 10.90 -26.05
CA ILE A 166 -6.95 10.22 -27.15
C ILE A 166 -7.90 9.99 -28.31
N LEU A 167 -9.12 9.52 -28.03
CA LEU A 167 -10.09 9.30 -29.09
C LEU A 167 -10.54 10.61 -29.70
N ALA A 168 -10.69 11.66 -28.88
CA ALA A 168 -11.06 12.96 -29.42
C ALA A 168 -9.96 13.55 -30.28
N GLY A 169 -8.70 13.34 -29.91
CA GLY A 169 -7.59 13.83 -30.70
C GLY A 169 -7.49 13.16 -32.06
N TYR A 170 -7.88 11.90 -32.14
CA TYR A 170 -7.91 11.22 -33.43
C TYR A 170 -9.03 11.75 -34.31
N LEU A 171 -10.22 11.93 -33.74
CA LEU A 171 -11.36 12.42 -34.51
C LEU A 171 -11.14 13.88 -34.91
N ASP A 172 -10.63 14.71 -34.00
CA ASP A 172 -10.44 16.12 -34.32
C ASP A 172 -9.35 16.31 -35.38
N GLY A 173 -8.25 15.57 -35.27
CA GLY A 173 -7.22 15.64 -36.30
C GLY A 173 -7.71 15.12 -37.63
N MET A 174 -8.54 14.07 -37.60
CA MET A 174 -9.12 13.52 -38.85
C MET A 174 -9.98 14.61 -39.51
N LYS A 175 -10.83 15.27 -38.73
CA LYS A 175 -11.73 16.32 -39.28
C LYS A 175 -10.89 17.47 -39.83
N ASP A 176 -9.83 17.87 -39.11
CA ASP A 176 -8.97 18.99 -39.57
C ASP A 176 -8.29 18.62 -40.89
N ALA A 177 -7.77 17.40 -40.98
CA ALA A 177 -7.09 16.95 -42.22
C ALA A 177 -8.09 16.93 -43.37
N ARG A 178 -9.32 16.45 -43.11
CA ARG A 178 -10.36 16.42 -44.15
C ARG A 178 -10.69 17.85 -44.58
N GLU A 179 -10.78 18.77 -43.62
CA GLU A 179 -11.16 20.18 -43.93
C GLU A 179 -10.09 20.80 -44.84
N ARG A 180 -8.81 20.58 -44.53
CA ARG A 180 -7.74 21.16 -45.33
C ARG A 180 -7.75 20.60 -46.75
N TYR A 181 -8.04 19.29 -46.90
CA TYR A 181 -8.15 18.71 -48.22
C TYR A 181 -9.36 19.27 -48.97
N GLU A 182 -10.47 19.43 -48.27
CA GLU A 182 -11.68 19.96 -48.91
C GLU A 182 -11.56 21.43 -49.26
N HIS A 183 -10.58 22.13 -48.70
CA HIS A 183 -10.33 23.52 -49.09
C HIS A 183 -9.87 23.61 -50.54
N TYR A 184 -9.34 22.51 -51.07
CA TYR A 184 -8.92 22.46 -52.49
C TYR A 184 -9.98 21.73 -53.31
N LEU A 185 -11.12 21.39 -52.70
CA LEU A 185 -12.15 20.58 -53.40
C LEU A 185 -13.44 21.38 -53.58
N ASN A 186 -14.00 21.39 -54.80
CA ASN A 186 -15.29 22.08 -55.03
C ASN A 186 -16.40 21.39 -54.23
N ARG A 187 -16.37 20.05 -54.18
CA ARG A 187 -17.45 19.29 -53.48
C ARG A 187 -16.90 18.70 -52.18
S SO4 B . 8.09 -7.68 14.82
O1 SO4 B . 8.46 -6.35 15.29
O2 SO4 B . 6.93 -8.16 15.56
O3 SO4 B . 7.77 -7.62 13.39
O4 SO4 B . 9.21 -8.60 15.02
S SO4 C . -14.95 9.91 -5.46
O1 SO4 C . -14.15 10.91 -4.76
O2 SO4 C . -16.30 10.42 -5.64
O3 SO4 C . -14.36 9.63 -6.76
O4 SO4 C . -14.99 8.69 -4.67
#